data_8GVY
#
_entry.id   8GVY
#
_cell.length_a   45.015
_cell.length_b   53.095
_cell.length_c   113.098
_cell.angle_alpha   90.000
_cell.angle_beta   100.850
_cell.angle_gamma   90.000
#
_symmetry.space_group_name_H-M   'I 1 2 1'
#
loop_
_entity.id
_entity.type
_entity.pdbx_description
1 polymer '3C-like proteinase nsp5'
2 polymer 3-PYRIDIN-4-YL-2,4-DIHYDRO-INDENO[1,2-.C.]PYRAZOLE
#
loop_
_entity_poly.entity_id
_entity_poly.type
_entity_poly.pdbx_seq_one_letter_code
_entity_poly.pdbx_strand_id
1 'polypeptide(L)'
;SGFRKMAFPSGKVEGCMVQVTCGTTTLNGLWLDDVVYCPRHVICTSEDMLNPNYEDLLIRKSNHNFLVQAGNVQLRVIGH
SMQNCVLKLKVDTANPKTPKYKFVRIQPGQTFSVLACYNGSPSGVYQCAMRPNFTIKGSFLNGSCGSVGFNIDYDCVSFC
YMHHMELPTGVHAGTDLEGNFYGPFVDRQTAQAAGTDTTITVNVLAWLYAAVINGDRWFLNRFTTTLNDFNLVAMKYNYE
PLTQDHVDILGPLSAQTGIAVLDMCASLKELLQNGMNGRTILGSALLEDEFTPFDVVRQCSGVTFQ
;
A
2 'polypeptide(L)' (ACY)AI(0A9) B
#
loop_
_chem_comp.id
_chem_comp.type
_chem_comp.name
_chem_comp.formula
ACY non-polymer 'ACETIC ACID' 'C2 H4 O2'
#
# COMPACT_ATOMS: atom_id res chain seq x y z
N SER A 1 -25.75 5.71 -2.70
CA SER A 1 -25.04 5.51 -3.96
C SER A 1 -23.68 6.18 -3.95
N GLY A 2 -23.06 6.28 -5.13
CA GLY A 2 -21.74 6.87 -5.24
C GLY A 2 -20.64 5.90 -4.90
N PHE A 3 -19.52 5.99 -5.61
CA PHE A 3 -18.37 5.11 -5.39
C PHE A 3 -17.10 5.94 -5.49
N ARG A 4 -16.29 5.93 -4.43
CA ARG A 4 -15.11 6.76 -4.35
C ARG A 4 -13.93 5.94 -3.84
N LYS A 5 -12.73 6.43 -4.15
CA LYS A 5 -11.51 5.90 -3.53
C LYS A 5 -11.49 6.29 -2.06
N MET A 6 -11.75 5.31 -1.20
CA MET A 6 -11.90 5.55 0.23
C MET A 6 -10.73 4.95 1.00
N ALA A 7 -10.29 5.66 2.04
CA ALA A 7 -9.26 5.17 2.93
C ALA A 7 -9.87 4.84 4.28
N PHE A 8 -9.24 3.92 5.00
CA PHE A 8 -9.70 3.55 6.33
C PHE A 8 -9.56 4.74 7.28
N PRO A 9 -10.35 4.77 8.34
CA PRO A 9 -10.14 5.79 9.39
C PRO A 9 -8.75 5.63 9.99
N SER A 10 -8.02 6.74 10.06
CA SER A 10 -6.61 6.74 10.45
C SER A 10 -6.39 7.01 11.92
N GLY A 11 -7.47 7.13 12.72
CA GLY A 11 -7.30 7.55 14.10
C GLY A 11 -6.44 6.60 14.92
N LYS A 12 -6.65 5.29 14.75
CA LYS A 12 -5.89 4.32 15.53
C LYS A 12 -4.42 4.31 15.15
N VAL A 13 -4.10 4.68 13.91
CA VAL A 13 -2.70 4.69 13.48
C VAL A 13 -2.02 6.00 13.86
N GLU A 14 -2.76 7.10 13.97
CA GLU A 14 -2.17 8.37 14.38
C GLU A 14 -1.55 8.28 15.76
N GLY A 15 -2.19 7.53 16.67
CA GLY A 15 -1.67 7.37 18.01
C GLY A 15 -0.39 6.58 18.10
N CYS A 16 0.06 5.96 17.01
CA CYS A 16 1.26 5.14 17.00
C CYS A 16 2.40 5.77 16.21
N MET A 17 2.23 7.00 15.74
CA MET A 17 3.24 7.67 14.93
C MET A 17 4.13 8.53 15.81
N VAL A 18 5.44 8.31 15.72
CA VAL A 18 6.43 9.06 16.47
C VAL A 18 7.52 9.53 15.52
N GLN A 19 8.35 10.45 16.02
CA GLN A 19 9.51 10.93 15.29
C GLN A 19 10.75 10.18 15.77
N VAL A 20 11.62 9.82 14.84
CA VAL A 20 12.85 9.11 15.13
C VAL A 20 14.00 9.86 14.49
N THR A 21 14.92 10.37 15.32
CA THR A 21 16.10 11.08 14.86
C THR A 21 17.34 10.32 15.31
N CYS A 22 18.26 10.07 14.38
CA CYS A 22 19.55 9.46 14.69
C CYS A 22 20.63 10.30 14.03
N GLY A 23 21.54 10.83 14.85
CA GLY A 23 22.52 11.78 14.34
C GLY A 23 21.85 13.03 13.84
N THR A 24 21.88 13.25 12.53
CA THR A 24 21.19 14.37 11.90
C THR A 24 20.17 13.92 10.86
N THR A 25 19.80 12.64 10.89
CA THR A 25 18.79 12.09 10.00
C THR A 25 17.52 11.81 10.80
N THR A 26 16.38 12.22 10.25
CA THR A 26 15.09 12.09 10.95
C THR A 26 14.05 11.50 10.01
N LEU A 27 13.19 10.65 10.56
CA LEU A 27 12.07 10.07 9.83
C LEU A 27 10.99 9.71 10.84
N ASN A 28 9.98 8.97 10.37
CA ASN A 28 8.85 8.57 11.19
C ASN A 28 9.02 7.15 11.71
N GLY A 29 8.35 6.88 12.83
CA GLY A 29 8.38 5.57 13.43
C GLY A 29 6.99 5.11 13.84
N LEU A 30 6.85 3.80 14.00
CA LEU A 30 5.59 3.18 14.40
C LEU A 30 5.77 2.62 15.81
N TRP A 31 5.06 3.21 16.78
CA TRP A 31 5.22 2.89 18.19
C TRP A 31 4.07 1.98 18.63
N LEU A 32 4.36 0.68 18.70
CA LEU A 32 3.40 -0.32 19.18
C LEU A 32 4.01 -1.03 20.38
N ASP A 33 3.26 -1.09 21.47
CA ASP A 33 3.71 -1.70 22.73
C ASP A 33 4.97 -0.95 23.16
N ASP A 34 6.04 -1.65 23.55
CA ASP A 34 7.29 -1.01 23.95
C ASP A 34 8.35 -1.08 22.85
N VAL A 35 7.93 -1.07 21.59
CA VAL A 35 8.84 -1.18 20.46
C VAL A 35 8.47 -0.12 19.42
N VAL A 36 9.48 0.54 18.87
CA VAL A 36 9.30 1.51 17.78
C VAL A 36 9.95 0.95 16.54
N TYR A 37 9.20 0.93 15.44
CA TYR A 37 9.68 0.43 14.15
C TYR A 37 9.91 1.61 13.21
N CYS A 38 11.05 1.62 12.54
CA CYS A 38 11.42 2.70 11.65
C CYS A 38 12.36 2.14 10.58
N PRO A 39 12.43 2.80 9.41
CA PRO A 39 13.39 2.34 8.40
C PRO A 39 14.82 2.45 8.90
N ARG A 40 15.63 1.45 8.56
CA ARG A 40 16.95 1.34 9.14
C ARG A 40 17.93 2.38 8.62
N HIS A 41 17.63 3.02 7.49
CA HIS A 41 18.54 4.04 6.96
C HIS A 41 18.40 5.38 7.67
N VAL A 42 17.75 5.40 8.84
CA VAL A 42 17.83 6.56 9.72
C VAL A 42 19.24 6.72 10.29
N ILE A 43 20.03 5.64 10.28
CA ILE A 43 21.41 5.68 10.76
C ILE A 43 22.38 6.15 9.69
N CYS A 44 21.93 6.36 8.46
CA CYS A 44 22.80 6.73 7.36
C CYS A 44 22.84 8.25 7.18
N THR A 45 23.97 8.72 6.67
CA THR A 45 24.07 10.09 6.18
C THR A 45 23.82 10.09 4.68
N SER A 46 23.84 11.28 4.07
CA SER A 46 23.65 11.37 2.63
C SER A 46 24.76 10.65 1.88
N GLU A 47 25.98 10.70 2.42
CA GLU A 47 27.09 9.98 1.80
C GLU A 47 26.98 8.48 2.04
N ASP A 48 26.39 8.07 3.16
CA ASP A 48 26.27 6.65 3.46
C ASP A 48 25.30 5.95 2.53
N MET A 49 24.28 6.67 2.04
CA MET A 49 23.24 6.05 1.23
C MET A 49 23.75 5.54 -0.11
N LEU A 50 24.88 6.06 -0.59
CA LEU A 50 25.39 5.64 -1.89
C LEU A 50 25.78 4.16 -1.88
N ASN A 51 26.32 3.68 -0.77
CA ASN A 51 26.68 2.28 -0.60
C ASN A 51 26.88 1.98 0.88
N PRO A 52 25.80 1.70 1.62
CA PRO A 52 25.93 1.52 3.07
C PRO A 52 26.14 0.07 3.48
N ASN A 53 26.98 -0.10 4.50
CA ASN A 53 27.09 -1.37 5.23
C ASN A 53 26.33 -1.18 6.53
N TYR A 54 25.07 -1.60 6.54
CA TYR A 54 24.19 -1.31 7.67
C TYR A 54 24.69 -1.98 8.96
N GLU A 55 25.28 -3.17 8.85
CA GLU A 55 25.84 -3.83 10.02
C GLU A 55 26.98 -3.00 10.61
N ASP A 56 27.87 -2.49 9.74
CA ASP A 56 28.99 -1.68 10.23
C ASP A 56 28.51 -0.33 10.75
N LEU A 57 27.55 0.29 10.05
CA LEU A 57 27.04 1.59 10.49
C LEU A 57 26.26 1.48 11.79
N LEU A 58 25.60 0.34 12.03
CA LEU A 58 24.83 0.16 13.26
C LEU A 58 25.75 -0.09 14.46
N ILE A 59 26.92 -0.68 14.24
CA ILE A 59 27.81 -1.02 15.34
C ILE A 59 28.25 0.23 16.08
N ARG A 60 28.46 1.32 15.36
CA ARG A 60 28.88 2.59 15.94
C ARG A 60 27.74 3.33 16.63
N LYS A 61 26.58 2.71 16.78
CA LYS A 61 25.40 3.35 17.36
C LYS A 61 24.98 2.63 18.63
N SER A 62 24.61 3.40 19.64
CA SER A 62 24.11 2.89 20.90
C SER A 62 22.67 3.36 21.12
N ASN A 63 22.10 2.98 22.27
CA ASN A 63 20.70 3.29 22.54
C ASN A 63 20.45 4.79 22.59
N HIS A 64 21.40 5.56 23.12
CA HIS A 64 21.22 6.99 23.29
C HIS A 64 21.43 7.78 22.00
N ASN A 65 21.75 7.11 20.89
CA ASN A 65 21.89 7.78 19.60
C ASN A 65 20.58 7.86 18.84
N PHE A 66 19.47 7.45 19.45
CA PHE A 66 18.16 7.43 18.81
C PHE A 66 17.23 8.34 19.58
N LEU A 67 16.77 9.42 18.93
CA LEU A 67 15.87 10.39 19.53
C LEU A 67 14.45 10.06 19.09
N VAL A 68 13.73 9.31 19.91
CA VAL A 68 12.34 8.97 19.64
C VAL A 68 11.45 9.98 20.35
N GLN A 69 10.68 10.73 19.57
CA GLN A 69 9.84 11.81 20.08
C GLN A 69 8.37 11.50 19.79
N ALA A 70 7.52 11.66 20.80
CA ALA A 70 6.08 11.49 20.68
C ALA A 70 5.44 12.77 21.21
N GLY A 71 5.15 13.70 20.31
CA GLY A 71 4.73 15.02 20.71
C GLY A 71 5.86 15.77 21.38
N ASN A 72 5.64 16.20 22.63
CA ASN A 72 6.70 16.81 23.42
C ASN A 72 7.49 15.78 24.22
N VAL A 73 6.97 14.56 24.35
CA VAL A 73 7.55 13.57 25.24
C VAL A 73 8.66 12.83 24.52
N GLN A 74 9.85 12.78 25.14
CA GLN A 74 10.91 11.92 24.66
C GLN A 74 10.71 10.50 25.18
N LEU A 75 11.09 9.53 24.36
CA LEU A 75 11.02 8.12 24.74
C LEU A 75 12.43 7.58 24.96
N ARG A 76 12.60 6.83 26.05
CA ARG A 76 13.90 6.31 26.44
C ARG A 76 14.15 4.97 25.74
N VAL A 77 15.14 4.93 24.87
CA VAL A 77 15.48 3.70 24.15
C VAL A 77 16.37 2.84 25.04
N ILE A 78 15.91 1.62 25.34
CA ILE A 78 16.65 0.69 26.16
C ILE A 78 17.06 -0.55 25.37
N GLY A 79 17.08 -0.45 24.04
CA GLY A 79 17.45 -1.57 23.20
C GLY A 79 17.18 -1.34 21.73
N HIS A 80 18.08 -1.78 20.87
CA HIS A 80 17.93 -1.60 19.43
C HIS A 80 18.32 -2.87 18.71
N SER A 81 17.67 -3.11 17.57
CA SER A 81 17.92 -4.32 16.80
C SER A 81 17.49 -4.09 15.36
N MET A 82 18.22 -4.72 14.44
CA MET A 82 17.96 -4.63 13.01
C MET A 82 17.30 -5.93 12.56
N GLN A 83 16.05 -5.85 12.15
CA GLN A 83 15.34 -6.98 11.55
C GLN A 83 15.20 -6.67 10.06
N ASN A 84 16.07 -7.30 9.25
CA ASN A 84 16.16 -7.03 7.82
C ASN A 84 16.39 -5.54 7.56
N CYS A 85 15.41 -4.83 7.03
CA CYS A 85 15.57 -3.42 6.64
C CYS A 85 14.85 -2.45 7.58
N VAL A 86 14.35 -2.92 8.71
CA VAL A 86 13.74 -2.05 9.70
C VAL A 86 14.54 -2.14 10.99
N LEU A 87 14.45 -1.09 11.78
CA LEU A 87 15.10 -1.01 13.09
C LEU A 87 14.04 -1.12 14.17
N LYS A 88 14.31 -1.96 15.17
CA LYS A 88 13.40 -2.17 16.29
C LYS A 88 14.01 -1.53 17.53
N LEU A 89 13.37 -0.46 18.02
CA LEU A 89 13.86 0.30 19.17
C LEU A 89 13.01 -0.04 20.38
N LYS A 90 13.56 -0.82 21.30
CA LYS A 90 12.86 -1.12 22.54
C LYS A 90 12.88 0.09 23.46
N VAL A 91 11.72 0.47 23.97
CA VAL A 91 11.59 1.64 24.84
C VAL A 91 11.01 1.19 26.17
N ASP A 92 11.18 2.04 27.19
CA ASP A 92 10.74 1.76 28.54
C ASP A 92 9.26 2.01 28.77
N THR A 93 8.51 2.35 27.73
CA THR A 93 7.10 2.70 27.87
C THR A 93 6.28 2.04 26.78
N ALA A 94 5.21 1.36 27.18
CA ALA A 94 4.24 0.86 26.22
C ALA A 94 3.37 2.01 25.72
N ASN A 95 2.99 1.93 24.47
CA ASN A 95 2.12 2.96 23.89
C ASN A 95 0.73 2.82 24.50
N PRO A 96 0.22 3.85 25.20
CA PRO A 96 -1.13 3.75 25.77
C PRO A 96 -2.22 3.69 24.73
N LYS A 97 -1.93 4.06 23.48
CA LYS A 97 -2.90 4.02 22.40
C LYS A 97 -2.66 2.86 21.43
N THR A 98 -2.01 1.80 21.90
CA THR A 98 -1.76 0.64 21.06
C THR A 98 -3.08 -0.05 20.71
N PRO A 99 -3.46 -0.10 19.43
CA PRO A 99 -4.65 -0.86 19.04
C PRO A 99 -4.31 -2.33 18.86
N LYS A 100 -5.35 -3.14 18.80
CA LYS A 100 -5.17 -4.53 18.39
C LYS A 100 -4.61 -4.56 16.99
N TYR A 101 -3.43 -5.18 16.83
CA TYR A 101 -2.70 -5.08 15.57
C TYR A 101 -2.06 -6.41 15.21
N LYS A 102 -1.80 -6.59 13.92
CA LYS A 102 -1.01 -7.70 13.41
C LYS A 102 -0.11 -7.20 12.30
N PHE A 103 0.94 -7.97 12.02
CA PHE A 103 1.84 -7.70 10.90
C PHE A 103 1.55 -8.71 9.81
N VAL A 104 1.05 -8.24 8.68
CA VAL A 104 0.72 -9.10 7.55
C VAL A 104 1.50 -8.63 6.33
N ARG A 105 1.81 -9.58 5.46
CA ARG A 105 2.48 -9.30 4.18
C ARG A 105 1.45 -9.50 3.07
N ILE A 106 0.99 -8.39 2.50
CA ILE A 106 -0.06 -8.47 1.48
C ILE A 106 0.51 -9.02 0.18
N GLN A 107 -0.38 -9.54 -0.65
CA GLN A 107 -0.08 -10.04 -1.98
C GLN A 107 -0.26 -8.95 -3.01
N PRO A 108 0.37 -9.08 -4.18
CA PRO A 108 0.20 -8.07 -5.23
C PRO A 108 -1.27 -7.95 -5.64
N GLY A 109 -1.71 -6.71 -5.81
CA GLY A 109 -3.09 -6.39 -6.14
C GLY A 109 -3.92 -5.95 -4.96
N GLN A 110 -3.55 -6.35 -3.74
CA GLN A 110 -4.28 -5.95 -2.55
C GLN A 110 -4.08 -4.46 -2.28
N THR A 111 -5.10 -3.84 -1.72
CA THR A 111 -5.08 -2.41 -1.42
C THR A 111 -4.90 -2.18 0.08
N PHE A 112 -4.48 -0.97 0.42
CA PHE A 112 -4.28 -0.57 1.80
C PHE A 112 -4.27 0.95 1.87
N SER A 113 -4.44 1.47 3.07
CA SER A 113 -4.48 2.91 3.32
C SER A 113 -3.14 3.37 3.86
N VAL A 114 -2.59 4.42 3.26
CA VAL A 114 -1.31 5.00 3.67
C VAL A 114 -1.58 6.27 4.46
N LEU A 115 -0.93 6.40 5.60
CA LEU A 115 -0.99 7.61 6.43
C LEU A 115 0.35 8.33 6.31
N ALA A 116 0.40 9.32 5.43
CA ALA A 116 1.64 10.07 5.23
C ALA A 116 1.95 10.90 6.47
N CYS A 117 3.21 10.88 6.88
CA CYS A 117 3.63 11.55 8.10
C CYS A 117 4.96 12.27 7.88
N TYR A 118 5.16 13.35 8.63
CA TYR A 118 6.41 14.09 8.62
C TYR A 118 6.70 14.54 10.05
N ASN A 119 7.90 14.22 10.54
CA ASN A 119 8.29 14.51 11.92
C ASN A 119 7.34 13.84 12.91
N GLY A 120 6.88 12.64 12.57
CA GLY A 120 6.00 11.90 13.43
C GLY A 120 4.58 12.43 13.54
N SER A 121 4.19 13.36 12.67
CA SER A 121 2.87 13.95 12.69
C SER A 121 2.14 13.64 11.39
N PRO A 122 0.88 13.21 11.44
CA PRO A 122 0.18 12.86 10.19
C PRO A 122 -0.19 14.09 9.39
N SER A 123 -0.01 13.99 8.07
CA SER A 123 -0.37 15.05 7.14
C SER A 123 -1.60 14.71 6.31
N GLY A 124 -1.77 13.45 5.93
CA GLY A 124 -2.92 13.04 5.13
C GLY A 124 -3.02 11.54 5.10
N VAL A 125 -4.06 11.06 4.43
CA VAL A 125 -4.32 9.63 4.31
C VAL A 125 -4.95 9.36 2.96
N TYR A 126 -4.45 8.33 2.26
CA TYR A 126 -4.94 7.98 0.94
C TYR A 126 -4.80 6.48 0.72
N GLN A 127 -5.52 5.97 -0.27
CA GLN A 127 -5.57 4.56 -0.57
C GLN A 127 -4.78 4.26 -1.84
N CYS A 128 -4.00 3.17 -1.80
CA CYS A 128 -3.27 2.71 -2.97
C CYS A 128 -3.11 1.20 -2.88
N ALA A 129 -2.59 0.61 -3.94
CA ALA A 129 -2.49 -0.83 -4.07
C ALA A 129 -1.04 -1.24 -4.32
N MET A 130 -0.75 -2.50 -3.99
CA MET A 130 0.53 -3.13 -4.32
C MET A 130 0.50 -3.50 -5.80
N ARG A 131 1.20 -2.72 -6.62
CA ARG A 131 1.26 -3.02 -8.04
C ARG A 131 1.93 -4.38 -8.26
N PRO A 132 1.62 -5.07 -9.37
CA PRO A 132 2.23 -6.38 -9.61
C PRO A 132 3.76 -6.35 -9.65
N ASN A 133 4.36 -5.21 -9.97
CA ASN A 133 5.81 -5.06 -9.88
C ASN A 133 6.27 -4.65 -8.48
N PHE A 134 5.39 -4.78 -7.48
CA PHE A 134 5.72 -4.55 -6.07
C PHE A 134 6.12 -3.10 -5.81
N THR A 135 5.56 -2.17 -6.56
CA THR A 135 5.67 -0.75 -6.28
C THR A 135 4.30 -0.20 -5.88
N ILE A 136 4.29 1.05 -5.45
CA ILE A 136 3.04 1.76 -5.18
C ILE A 136 3.17 3.18 -5.73
N LYS A 137 2.04 3.73 -6.14
CA LYS A 137 1.97 5.10 -6.65
C LYS A 137 1.30 5.94 -5.57
N GLY A 138 2.12 6.52 -4.69
CA GLY A 138 1.61 7.34 -3.61
C GLY A 138 2.12 8.77 -3.67
N SER A 139 2.15 9.44 -2.52
CA SER A 139 2.62 10.82 -2.41
C SER A 139 3.55 10.89 -1.22
N PHE A 140 4.85 10.99 -1.48
CA PHE A 140 5.87 10.89 -0.44
C PHE A 140 6.95 11.93 -0.69
N LEU A 141 7.04 12.91 0.20
CA LEU A 141 8.14 13.87 0.18
C LEU A 141 9.27 13.40 1.07
N ASN A 142 10.31 14.22 1.20
CA ASN A 142 11.41 13.89 2.09
C ASN A 142 10.94 13.96 3.54
N GLY A 143 11.30 12.95 4.32
CA GLY A 143 10.80 12.81 5.68
C GLY A 143 9.58 11.94 5.82
N SER A 144 8.98 11.53 4.70
CA SER A 144 7.80 10.66 4.74
C SER A 144 8.14 9.20 5.03
N CYS A 145 9.41 8.83 4.99
CA CYS A 145 9.79 7.46 5.29
C CYS A 145 9.41 7.11 6.72
N GLY A 146 8.99 5.87 6.94
CA GLY A 146 8.42 5.44 8.19
C GLY A 146 6.91 5.47 8.20
N SER A 147 6.28 6.16 7.25
CA SER A 147 4.84 6.11 7.10
C SER A 147 4.41 4.69 6.75
N VAL A 148 3.26 4.29 7.28
CA VAL A 148 2.83 2.89 7.22
C VAL A 148 1.54 2.78 6.42
N GLY A 149 1.38 1.64 5.75
CA GLY A 149 0.14 1.25 5.14
C GLY A 149 -0.54 0.19 5.98
N PHE A 150 -1.87 0.17 5.94
CA PHE A 150 -2.61 -0.69 6.85
C PHE A 150 -4.01 -0.97 6.33
N ASN A 151 -4.58 -2.07 6.80
CA ASN A 151 -5.99 -2.37 6.69
C ASN A 151 -6.57 -2.53 8.10
N ILE A 152 -7.89 -2.39 8.20
CA ILE A 152 -8.57 -2.46 9.49
C ILE A 152 -9.69 -3.48 9.41
N ASP A 153 -9.74 -4.39 10.39
CA ASP A 153 -10.81 -5.38 10.54
C ASP A 153 -11.55 -5.01 11.82
N TYR A 154 -12.61 -4.23 11.66
CA TYR A 154 -13.40 -3.70 12.78
C TYR A 154 -12.51 -2.97 13.78
N ASP A 155 -11.79 -3.73 14.63
CA ASP A 155 -10.97 -3.15 15.69
C ASP A 155 -9.51 -3.56 15.60
N CYS A 156 -9.12 -4.30 14.56
CA CYS A 156 -7.76 -4.81 14.44
C CYS A 156 -7.09 -4.14 13.25
N VAL A 157 -6.00 -3.42 13.51
CA VAL A 157 -5.23 -2.78 12.46
C VAL A 157 -4.23 -3.77 11.89
N SER A 158 -4.26 -3.97 10.58
CA SER A 158 -3.37 -4.90 9.90
C SER A 158 -2.30 -4.09 9.17
N PHE A 159 -1.18 -3.85 9.86
CA PHE A 159 -0.06 -3.17 9.23
C PHE A 159 0.57 -4.06 8.17
N CYS A 160 0.87 -3.48 7.01
CA CYS A 160 1.40 -4.25 5.89
C CYS A 160 2.47 -3.55 5.09
N TYR A 161 2.68 -2.24 5.26
CA TYR A 161 3.63 -1.50 4.45
C TYR A 161 4.32 -0.45 5.29
N MET A 162 5.57 -0.14 4.93
CA MET A 162 6.29 0.99 5.50
C MET A 162 7.16 1.58 4.41
N HIS A 163 7.04 2.88 4.18
CA HIS A 163 7.71 3.53 3.06
C HIS A 163 9.19 3.68 3.35
N HIS A 164 10.02 3.32 2.37
CA HIS A 164 11.47 3.40 2.48
C HIS A 164 12.11 4.27 1.41
N MET A 165 11.61 4.22 0.17
CA MET A 165 12.36 4.77 -0.95
C MET A 165 11.44 5.33 -2.02
N GLU A 166 12.01 6.21 -2.83
CA GLU A 166 11.43 6.65 -4.09
C GLU A 166 12.37 6.28 -5.22
N LEU A 167 11.90 5.46 -6.15
CA LEU A 167 12.73 5.10 -7.29
C LEU A 167 12.85 6.28 -8.24
N PRO A 168 13.92 6.32 -9.05
CA PRO A 168 14.11 7.46 -9.97
C PRO A 168 12.98 7.67 -10.94
N THR A 169 12.05 6.73 -11.07
CA THR A 169 10.88 6.88 -11.92
C THR A 169 9.73 7.61 -11.23
N GLY A 170 9.97 8.15 -10.05
CA GLY A 170 8.91 8.81 -9.29
C GLY A 170 7.96 7.87 -8.59
N VAL A 171 8.22 6.57 -8.64
CA VAL A 171 7.37 5.60 -7.98
C VAL A 171 8.03 5.16 -6.68
N HIS A 172 7.28 4.50 -5.82
CA HIS A 172 7.69 4.27 -4.44
C HIS A 172 7.84 2.77 -4.16
N ALA A 173 8.64 2.48 -3.13
CA ALA A 173 8.89 1.11 -2.71
C ALA A 173 9.12 1.09 -1.21
N GLY A 174 8.87 -0.07 -0.60
CA GLY A 174 9.03 -0.20 0.82
C GLY A 174 8.96 -1.64 1.26
N THR A 175 8.87 -1.83 2.57
CA THR A 175 8.90 -3.15 3.20
C THR A 175 7.60 -3.41 3.94
N ASP A 176 7.48 -4.62 4.48
CA ASP A 176 6.46 -4.93 5.45
C ASP A 176 6.94 -4.46 6.83
N LEU A 177 6.28 -4.89 7.89
CA LEU A 177 6.69 -4.51 9.23
C LEU A 177 7.73 -5.46 9.82
N GLU A 178 8.18 -6.45 9.06
CA GLU A 178 9.30 -7.30 9.46
C GLU A 178 10.59 -6.92 8.76
N GLY A 179 10.58 -5.91 7.90
CA GLY A 179 11.77 -5.41 7.26
C GLY A 179 12.03 -5.94 5.87
N ASN A 180 11.20 -6.86 5.36
CA ASN A 180 11.44 -7.46 4.06
C ASN A 180 10.81 -6.61 2.97
N PHE A 181 11.61 -6.24 1.99
CA PHE A 181 11.13 -5.38 0.91
C PHE A 181 10.09 -6.09 0.05
N TYR A 182 9.15 -5.31 -0.47
CA TYR A 182 8.24 -5.78 -1.50
C TYR A 182 8.94 -5.62 -2.85
N GLY A 183 9.38 -6.73 -3.44
CA GLY A 183 10.01 -6.70 -4.73
C GLY A 183 11.52 -6.82 -4.66
N PRO A 184 12.19 -6.46 -5.76
CA PRO A 184 13.65 -6.61 -5.81
C PRO A 184 14.40 -5.33 -5.48
N PHE A 185 13.92 -4.59 -4.49
CA PHE A 185 14.46 -3.28 -4.17
C PHE A 185 15.29 -3.34 -2.89
N VAL A 186 16.38 -2.58 -2.87
CA VAL A 186 17.29 -2.51 -1.74
C VAL A 186 17.39 -1.07 -1.28
N ASP A 187 17.47 -0.86 0.03
CA ASP A 187 17.56 0.48 0.62
C ASP A 187 18.97 1.02 0.38
N ARG A 188 19.17 1.55 -0.82
CA ARG A 188 20.47 2.06 -1.24
C ARG A 188 20.26 3.01 -2.41
N GLN A 189 20.97 4.13 -2.41
CA GLN A 189 20.82 5.14 -3.46
C GLN A 189 21.59 4.73 -4.71
N THR A 190 21.02 3.77 -5.41
CA THR A 190 21.53 3.33 -6.70
C THR A 190 20.37 3.14 -7.66
N ALA A 191 20.68 3.18 -8.96
CA ALA A 191 19.64 3.05 -9.97
C ALA A 191 19.01 1.67 -9.90
N GLN A 192 17.68 1.64 -9.77
CA GLN A 192 16.93 0.40 -9.68
C GLN A 192 15.72 0.46 -10.60
N ALA A 193 15.45 -0.63 -11.29
CA ALA A 193 14.31 -0.74 -12.19
C ALA A 193 13.13 -1.37 -11.47
N ALA A 194 11.95 -0.83 -11.73
CA ALA A 194 10.71 -1.33 -11.12
C ALA A 194 10.10 -2.51 -11.87
N GLY A 195 10.45 -2.69 -13.14
CA GLY A 195 9.86 -3.72 -13.95
C GLY A 195 8.57 -3.26 -14.63
N THR A 196 8.08 -4.12 -15.52
CA THR A 196 6.87 -3.79 -16.28
C THR A 196 5.67 -3.69 -15.34
N ASP A 197 4.97 -2.58 -15.40
CA ASP A 197 3.78 -2.35 -14.58
C ASP A 197 2.56 -2.89 -15.33
N THR A 198 1.97 -3.94 -14.79
CA THR A 198 0.77 -4.55 -15.38
C THR A 198 -0.47 -4.11 -14.61
N THR A 199 -1.63 -4.34 -15.22
CA THR A 199 -2.90 -3.94 -14.65
C THR A 199 -3.52 -5.10 -13.88
N ILE A 200 -3.99 -4.81 -12.67
CA ILE A 200 -4.66 -5.81 -11.84
C ILE A 200 -6.03 -6.09 -12.45
N THR A 201 -6.13 -7.17 -13.24
CA THR A 201 -7.32 -7.42 -14.03
C THR A 201 -8.54 -7.66 -13.16
N VAL A 202 -8.39 -8.45 -12.09
CA VAL A 202 -9.52 -8.76 -11.23
C VAL A 202 -10.05 -7.50 -10.55
N ASN A 203 -9.18 -6.51 -10.34
CA ASN A 203 -9.60 -5.26 -9.71
C ASN A 203 -10.39 -4.39 -10.69
N VAL A 204 -10.01 -4.39 -11.97
CA VAL A 204 -10.77 -3.65 -12.98
C VAL A 204 -12.17 -4.23 -13.11
N LEU A 205 -12.28 -5.55 -13.04
CA LEU A 205 -13.60 -6.20 -13.16
C LEU A 205 -14.50 -5.83 -11.99
N ALA A 206 -13.96 -5.84 -10.77
CA ALA A 206 -14.74 -5.43 -9.61
C ALA A 206 -15.14 -3.96 -9.70
N TRP A 207 -14.24 -3.13 -10.24
CA TRP A 207 -14.57 -1.72 -10.44
C TRP A 207 -15.70 -1.56 -11.45
N LEU A 208 -15.66 -2.34 -12.53
CA LEU A 208 -16.76 -2.32 -13.49
C LEU A 208 -18.04 -2.86 -12.88
N TYR A 209 -17.94 -3.78 -11.92
CA TYR A 209 -19.11 -4.24 -11.19
C TYR A 209 -19.68 -3.14 -10.30
N ALA A 210 -18.83 -2.30 -9.74
CA ALA A 210 -19.30 -1.19 -8.92
C ALA A 210 -20.02 -0.15 -9.76
N ALA A 211 -19.55 0.07 -11.00
CA ALA A 211 -20.21 1.03 -11.88
C ALA A 211 -21.62 0.56 -12.25
N VAL A 212 -21.78 -0.73 -12.52
CA VAL A 212 -23.11 -1.26 -12.84
C VAL A 212 -24.04 -1.07 -11.66
N ILE A 213 -23.53 -1.28 -10.44
CA ILE A 213 -24.35 -1.08 -9.24
C ILE A 213 -24.77 0.38 -9.12
N ASN A 214 -23.88 1.30 -9.49
CA ASN A 214 -24.13 2.73 -9.35
C ASN A 214 -24.64 3.36 -10.64
N GLY A 215 -25.43 2.62 -11.43
CA GLY A 215 -26.12 3.16 -12.58
C GLY A 215 -25.29 3.29 -13.85
N ASP A 216 -23.97 3.37 -13.74
CA ASP A 216 -23.12 3.55 -14.91
C ASP A 216 -22.86 2.19 -15.55
N ARG A 217 -23.59 1.89 -16.63
CA ARG A 217 -23.54 0.55 -17.21
C ARG A 217 -23.53 0.54 -18.73
N TRP A 218 -23.16 1.67 -19.36
CA TRP A 218 -23.17 1.74 -20.82
C TRP A 218 -22.19 0.75 -21.44
N PHE A 219 -21.12 0.38 -20.71
CA PHE A 219 -20.09 -0.49 -21.24
C PHE A 219 -20.55 -1.94 -21.37
N LEU A 220 -21.68 -2.30 -20.79
CA LEU A 220 -22.17 -3.68 -20.88
C LEU A 220 -22.49 -4.04 -22.32
N ASN A 221 -21.68 -4.91 -22.92
CA ASN A 221 -21.83 -5.28 -24.32
C ASN A 221 -22.84 -6.41 -24.46
N ARG A 222 -22.92 -6.98 -25.66
CA ARG A 222 -23.81 -8.09 -25.95
C ARG A 222 -23.05 -9.41 -26.08
N PHE A 223 -21.75 -9.41 -25.84
CA PHE A 223 -20.90 -10.56 -26.10
C PHE A 223 -20.56 -11.30 -24.81
N THR A 224 -19.93 -12.45 -24.98
CA THR A 224 -19.28 -13.18 -23.91
C THR A 224 -17.95 -13.69 -24.44
N THR A 225 -17.15 -14.30 -23.57
CA THR A 225 -15.86 -14.83 -23.98
C THR A 225 -15.46 -15.95 -23.03
N THR A 226 -14.28 -16.52 -23.26
CA THR A 226 -13.72 -17.57 -22.44
C THR A 226 -12.50 -17.04 -21.68
N LEU A 227 -12.07 -17.81 -20.69
CA LEU A 227 -10.93 -17.42 -19.87
C LEU A 227 -9.65 -17.35 -20.71
N ASN A 228 -9.41 -18.38 -21.53
CA ASN A 228 -8.19 -18.41 -22.33
C ASN A 228 -8.22 -17.39 -23.45
N ASP A 229 -9.40 -17.10 -24.01
CA ASP A 229 -9.49 -16.11 -25.09
C ASP A 229 -9.39 -14.69 -24.55
N PHE A 230 -9.98 -14.43 -23.38
CA PHE A 230 -9.85 -13.11 -22.78
C PHE A 230 -8.42 -12.84 -22.34
N ASN A 231 -7.73 -13.86 -21.83
CA ASN A 231 -6.33 -13.70 -21.43
C ASN A 231 -5.43 -13.45 -22.64
N LEU A 232 -5.82 -13.95 -23.81
CA LEU A 232 -5.07 -13.63 -25.02
C LEU A 232 -5.10 -12.15 -25.32
N VAL A 233 -6.25 -11.50 -25.06
CA VAL A 233 -6.34 -10.06 -25.22
C VAL A 233 -5.71 -9.34 -24.03
N ALA A 234 -5.78 -9.94 -22.84
CA ALA A 234 -5.19 -9.31 -21.66
C ALA A 234 -3.67 -9.24 -21.77
N MET A 235 -3.03 -10.24 -22.39
CA MET A 235 -1.58 -10.23 -22.54
C MET A 235 -1.14 -9.11 -23.46
N LYS A 236 -1.89 -8.85 -24.53
CA LYS A 236 -1.54 -7.79 -25.48
C LYS A 236 -1.57 -6.40 -24.85
N TYR A 237 -2.32 -6.24 -23.75
CA TYR A 237 -2.44 -4.95 -23.08
C TYR A 237 -1.77 -4.95 -21.72
N ASN A 238 -0.88 -5.91 -21.47
CA ASN A 238 -0.13 -6.00 -20.21
C ASN A 238 -1.06 -6.06 -19.01
N TYR A 239 -2.06 -6.94 -19.09
CA TYR A 239 -3.00 -7.16 -18.01
C TYR A 239 -2.66 -8.45 -17.28
N GLU A 240 -2.97 -8.48 -15.98
CA GLU A 240 -2.69 -9.66 -15.19
C GLU A 240 -3.54 -10.84 -15.67
N PRO A 241 -2.97 -12.03 -15.78
CA PRO A 241 -3.75 -13.18 -16.24
C PRO A 241 -4.85 -13.53 -15.25
N LEU A 242 -6.08 -13.60 -15.74
CA LEU A 242 -7.22 -13.94 -14.89
C LEU A 242 -7.29 -15.46 -14.69
N THR A 243 -7.52 -15.87 -13.45
CA THR A 243 -7.60 -17.27 -13.07
C THR A 243 -8.98 -17.58 -12.49
N GLN A 244 -9.18 -18.85 -12.16
CA GLN A 244 -10.46 -19.28 -11.58
C GLN A 244 -10.64 -18.71 -10.17
N ASP A 245 -9.55 -18.53 -9.43
CA ASP A 245 -9.66 -17.89 -8.12
C ASP A 245 -10.13 -16.45 -8.26
N HIS A 246 -9.64 -15.74 -9.28
CA HIS A 246 -10.14 -14.40 -9.55
C HIS A 246 -11.63 -14.42 -9.89
N VAL A 247 -12.06 -15.45 -10.62
CA VAL A 247 -13.49 -15.58 -10.92
C VAL A 247 -14.27 -15.92 -9.66
N ASP A 248 -13.71 -16.75 -8.79
CA ASP A 248 -14.39 -17.13 -7.57
C ASP A 248 -14.62 -15.93 -6.66
N ILE A 249 -13.64 -15.03 -6.59
CA ILE A 249 -13.76 -13.87 -5.71
C ILE A 249 -14.82 -12.90 -6.23
N LEU A 250 -14.97 -12.82 -7.55
CA LEU A 250 -15.96 -11.95 -8.17
C LEU A 250 -17.36 -12.56 -8.18
N GLY A 251 -17.55 -13.69 -7.51
CA GLY A 251 -18.83 -14.37 -7.50
C GLY A 251 -19.94 -13.54 -6.89
N PRO A 252 -19.78 -13.18 -5.61
CA PRO A 252 -20.78 -12.30 -4.97
C PRO A 252 -21.12 -11.06 -5.78
N LEU A 253 -20.13 -10.46 -6.47
CA LEU A 253 -20.42 -9.31 -7.33
C LEU A 253 -21.19 -9.75 -8.57
N SER A 254 -20.90 -10.94 -9.09
CA SER A 254 -21.61 -11.44 -10.26
C SER A 254 -23.05 -11.84 -9.91
N ALA A 255 -23.29 -12.26 -8.68
CA ALA A 255 -24.62 -12.68 -8.27
C ALA A 255 -25.52 -11.47 -7.99
N GLN A 256 -24.95 -10.41 -7.42
CA GLN A 256 -25.75 -9.22 -7.10
C GLN A 256 -26.21 -8.50 -8.37
N THR A 257 -25.34 -8.42 -9.38
CA THR A 257 -25.65 -7.70 -10.60
C THR A 257 -26.25 -8.59 -11.68
N GLY A 258 -26.25 -9.91 -11.49
CA GLY A 258 -26.76 -10.80 -12.51
C GLY A 258 -25.92 -10.90 -13.76
N ILE A 259 -24.69 -10.39 -13.74
CA ILE A 259 -23.78 -10.44 -14.88
C ILE A 259 -22.72 -11.49 -14.60
N ALA A 260 -22.70 -12.54 -15.41
CA ALA A 260 -21.67 -13.56 -15.28
C ALA A 260 -20.29 -12.94 -15.47
N VAL A 261 -19.30 -13.51 -14.78
CA VAL A 261 -17.95 -12.95 -14.81
C VAL A 261 -17.41 -12.96 -16.24
N LEU A 262 -17.67 -14.04 -16.99
CA LEU A 262 -17.18 -14.12 -18.35
C LEU A 262 -17.84 -13.08 -19.25
N ASP A 263 -19.09 -12.71 -18.96
CA ASP A 263 -19.73 -11.65 -19.74
C ASP A 263 -19.06 -10.31 -19.51
N MET A 264 -18.69 -10.01 -18.26
CA MET A 264 -17.98 -8.78 -17.97
C MET A 264 -16.59 -8.77 -18.59
N CYS A 265 -15.96 -9.96 -18.70
CA CYS A 265 -14.65 -10.03 -19.33
C CYS A 265 -14.71 -9.66 -20.80
N ALA A 266 -15.83 -9.97 -21.47
CA ALA A 266 -16.00 -9.56 -22.86
C ALA A 266 -16.23 -8.05 -22.96
N SER A 267 -16.99 -7.48 -22.02
CA SER A 267 -17.17 -6.04 -21.98
C SER A 267 -15.85 -5.34 -21.70
N LEU A 268 -15.01 -5.95 -20.86
CA LEU A 268 -13.67 -5.41 -20.62
C LEU A 268 -12.79 -5.59 -21.85
N LYS A 269 -12.96 -6.72 -22.56
CA LYS A 269 -12.20 -6.94 -23.78
C LYS A 269 -12.51 -5.89 -24.83
N GLU A 270 -13.79 -5.53 -25.00
CA GLU A 270 -14.14 -4.52 -25.98
C GLU A 270 -13.66 -3.14 -25.57
N LEU A 271 -13.58 -2.87 -24.26
CA LEU A 271 -13.05 -1.59 -23.79
C LEU A 271 -11.56 -1.48 -24.08
N LEU A 272 -10.85 -2.61 -24.07
CA LEU A 272 -9.42 -2.59 -24.39
C LEU A 272 -9.19 -2.39 -25.88
N GLN A 273 -10.05 -2.97 -26.71
CA GLN A 273 -9.81 -2.96 -28.16
C GLN A 273 -10.35 -1.71 -28.82
N ASN A 274 -11.36 -1.07 -28.24
CA ASN A 274 -12.02 0.08 -28.85
C ASN A 274 -11.87 1.36 -28.02
N GLY A 275 -11.09 1.32 -26.93
CA GLY A 275 -10.97 2.51 -26.11
C GLY A 275 -12.25 2.82 -25.35
N MET A 276 -12.48 4.10 -25.11
CA MET A 276 -13.66 4.53 -24.37
C MET A 276 -14.40 5.68 -25.04
N ASN A 277 -13.88 6.21 -26.15
CA ASN A 277 -14.58 7.17 -27.00
C ASN A 277 -14.99 8.44 -26.25
N GLY A 278 -14.17 8.88 -25.31
CA GLY A 278 -14.44 10.11 -24.58
C GLY A 278 -15.43 10.00 -23.46
N ARG A 279 -16.17 8.89 -23.35
CA ARG A 279 -17.08 8.70 -22.24
C ARG A 279 -16.29 8.46 -20.95
N THR A 280 -17.03 8.28 -19.84
CA THR A 280 -16.41 8.04 -18.55
C THR A 280 -17.13 6.91 -17.84
N ILE A 281 -16.41 6.24 -16.95
CA ILE A 281 -16.96 5.21 -16.09
C ILE A 281 -16.67 5.61 -14.65
N LEU A 282 -17.72 5.85 -13.87
CA LEU A 282 -17.61 6.34 -12.49
C LEU A 282 -16.72 7.58 -12.41
N GLY A 283 -16.92 8.49 -13.35
CA GLY A 283 -16.17 9.73 -13.38
C GLY A 283 -14.73 9.63 -13.81
N SER A 284 -14.23 8.42 -14.09
CA SER A 284 -12.86 8.22 -14.54
C SER A 284 -12.83 7.98 -16.04
N ALA A 285 -11.84 8.57 -16.70
CA ALA A 285 -11.69 8.43 -18.14
C ALA A 285 -10.70 7.32 -18.52
N LEU A 286 -10.38 6.45 -17.57
CA LEU A 286 -9.59 5.25 -17.86
C LEU A 286 -10.06 4.13 -16.94
N LEU A 287 -9.41 2.98 -17.04
CA LEU A 287 -9.76 1.81 -16.25
C LEU A 287 -9.00 1.83 -14.93
N GLU A 288 -9.73 1.73 -13.83
CA GLU A 288 -9.17 1.84 -12.49
C GLU A 288 -8.97 0.44 -11.92
N ASP A 289 -7.73 0.13 -11.52
CA ASP A 289 -7.39 -1.19 -11.00
C ASP A 289 -6.94 -1.16 -9.54
N GLU A 290 -7.22 -0.06 -8.83
CA GLU A 290 -6.86 0.07 -7.43
C GLU A 290 -8.05 -0.18 -6.51
N PHE A 291 -9.01 -0.99 -6.95
CA PHE A 291 -10.17 -1.37 -6.14
C PHE A 291 -10.27 -2.89 -6.14
N THR A 292 -9.94 -3.52 -5.02
CA THR A 292 -10.10 -4.96 -4.90
C THR A 292 -11.59 -5.32 -4.89
N PRO A 293 -11.92 -6.58 -5.18
CA PRO A 293 -13.33 -6.99 -5.10
C PRO A 293 -13.93 -6.78 -3.71
N PHE A 294 -13.13 -6.96 -2.65
CA PHE A 294 -13.65 -6.69 -1.31
C PHE A 294 -13.79 -5.20 -1.05
N ASP A 295 -12.99 -4.37 -1.74
CA ASP A 295 -13.16 -2.92 -1.63
C ASP A 295 -14.52 -2.50 -2.14
N VAL A 296 -15.02 -3.17 -3.19
CA VAL A 296 -16.34 -2.85 -3.72
C VAL A 296 -17.43 -3.35 -2.77
N VAL A 297 -17.30 -4.61 -2.32
CA VAL A 297 -18.30 -5.18 -1.41
C VAL A 297 -18.37 -4.38 -0.12
N ARG A 298 -17.21 -3.94 0.38
CA ARG A 298 -17.18 -3.16 1.62
C ARG A 298 -17.88 -1.82 1.45
N GLN A 299 -17.69 -1.17 0.30
CA GLN A 299 -18.27 0.15 0.09
C GLN A 299 -19.77 0.07 -0.23
N CYS A 300 -20.18 -0.96 -0.97
CA CYS A 300 -21.59 -1.11 -1.34
C CYS A 300 -22.44 -1.68 -0.21
N SER A 301 -21.82 -2.13 0.87
CA SER A 301 -22.55 -2.57 2.06
C SER A 301 -22.29 -1.72 3.28
N GLY A 302 -21.23 -0.92 3.30
CA GLY A 302 -20.97 0.02 4.38
C GLY A 302 -20.61 -0.62 5.69
N VAL A 303 -19.58 -1.47 5.71
CA VAL A 303 -19.11 -2.04 6.96
C VAL A 303 -18.36 -0.96 7.74
N THR A 304 -18.46 -1.03 9.06
CA THR A 304 -17.93 0.01 9.94
C THR A 304 -16.77 -0.54 10.76
N PHE A 305 -16.09 0.37 11.48
CA PHE A 305 -14.91 0.04 12.24
C PHE A 305 -14.88 0.84 13.54
N GLN A 306 -14.37 0.20 14.59
CA GLN A 306 -13.92 0.82 15.84
C GLN A 306 -13.54 -0.24 16.86
C ACY B 1 12.62 9.66 3.60
O ACY B 1 11.72 10.21 4.15
CH3 ACY B 1 12.35 8.86 2.33
N ALA B 2 13.96 9.78 4.14
CA ALA B 2 14.19 10.54 5.35
C ALA B 2 14.89 11.86 5.07
N ILE B 3 14.60 13.02 5.89
CA ILE B 3 15.29 14.27 5.63
C ILE B 3 16.69 14.14 6.24
N 0A9 B 4 17.86 14.16 5.37
CA 0A9 B 4 19.18 14.03 5.97
C 0A9 B 4 19.66 15.39 6.46
CB 0A9 B 4 20.14 13.47 4.91
CG 0A9 B 4 19.79 12.04 4.53
CD1 0A9 B 4 20.18 10.99 5.34
CD2 0A9 B 4 19.06 11.80 3.37
CE1 0A9 B 4 19.85 9.69 5.00
CE2 0A9 B 4 18.73 10.49 3.03
CZ 0A9 B 4 19.13 9.44 3.84
O 0A9 B 4 18.99 16.35 6.30
CM 0A9 B 4 21.41 16.78 7.23
OXT 0A9 B 4 20.90 15.49 7.12
#